data_5DZ8
#
_entry.id   5DZ8
#
_cell.length_a   148.140
_cell.length_b   34.420
_cell.length_c   92.600
_cell.angle_alpha   90.00
_cell.angle_beta   127.31
_cell.angle_gamma   90.00
#
_symmetry.space_group_name_H-M   'C 1 2 1'
#
loop_
_entity.id
_entity.type
_entity.pdbx_description
1 polymer 'BspA (BspA_V)'
2 non-polymer 'ACETATE ION'
3 non-polymer DI(HYDROXYETHYL)ETHER
4 non-polymer 1,2-ETHANEDIOL
5 water water
#
_entity_poly.entity_id   1
_entity_poly.type   'polypeptide(L)'
_entity_poly.pdbx_seq_one_letter_code
;GPNVAFDIKAQAKGVDNAEYGNSI(MSE)TAKTKPDGSFEFNHD(MSE)IDGVKTIGYGKLTGKVNHHYVANKDGSVTAF
VDSVTLYKYEYRNVAQNAAVNQNIVFRVLTKDGRPIFEKAHNGNKTFAETLNKTLQLNLKYELKPHASSGNVEVFKIHDD
WVHDTHGSALVSYVNNN
;
_entity_poly.pdbx_strand_id   A,B
#
# COMPACT_ATOMS: atom_id res chain seq x y z
N GLY A 1 13.66 47.79 1.38
CA GLY A 1 12.68 46.67 1.33
C GLY A 1 13.26 45.26 1.47
N PRO A 2 12.40 44.25 1.52
CA PRO A 2 12.95 42.92 1.84
C PRO A 2 14.05 42.53 0.89
N ASN A 3 14.99 41.49 1.49
CA ASN A 3 16.04 40.79 0.83
C ASN A 3 15.98 39.37 1.43
N VAL A 4 14.96 38.64 1.01
CA VAL A 4 14.67 37.33 1.47
C VAL A 4 14.85 36.28 0.42
N ALA A 5 15.58 35.21 0.72
CA ALA A 5 15.61 34.04 -0.12
C ALA A 5 14.57 32.98 0.31
N PHE A 6 13.68 32.65 -0.62
CA PHE A 6 12.60 31.71 -0.40
C PHE A 6 12.97 30.41 -1.08
N ASP A 7 12.80 29.28 -0.42
CA ASP A 7 12.79 28.02 -1.16
C ASP A 7 11.78 27.05 -0.67
N ILE A 8 11.48 26.07 -1.52
CA ILE A 8 10.70 24.94 -1.11
C ILE A 8 11.39 23.69 -1.63
N LYS A 9 11.32 22.64 -0.83
CA LYS A 9 11.94 21.39 -1.13
C LYS A 9 11.19 20.19 -0.53
N ALA A 10 11.58 19.01 -0.95
CA ALA A 10 10.95 17.78 -0.50
C ALA A 10 12.01 16.85 0.01
N GLN A 11 11.72 16.29 1.16
CA GLN A 11 12.61 15.38 1.81
C GLN A 11 11.83 14.17 2.30
N ALA A 12 12.37 13.00 2.01
CA ALA A 12 11.78 11.74 2.42
C ALA A 12 11.99 11.54 3.91
N LYS A 13 10.96 11.05 4.61
CA LYS A 13 11.05 10.48 5.97
C LYS A 13 12.06 9.32 6.11
N GLY A 14 13.28 9.68 6.53
CA GLY A 14 14.27 8.73 7.03
C GLY A 14 14.59 9.13 8.47
N VAL A 15 15.46 8.35 9.12
CA VAL A 15 15.86 8.48 10.56
C VAL A 15 15.00 7.54 11.38
N ALA A 18 18.42 8.79 8.73
CA ALA A 18 18.78 9.71 7.66
C ALA A 18 19.01 11.15 8.20
N GLU A 19 18.47 12.17 7.51
CA GLU A 19 19.08 13.51 7.51
C GLU A 19 20.60 13.38 7.22
N TYR A 20 20.95 12.69 6.12
CA TYR A 20 22.25 12.80 5.43
C TYR A 20 22.13 13.72 4.18
N GLY A 21 20.91 14.15 3.84
CA GLY A 21 20.66 15.13 2.76
C GLY A 21 20.50 14.57 1.35
N ASN A 22 20.63 13.26 1.21
CA ASN A 22 20.59 12.64 -0.14
C ASN A 22 19.21 12.62 -0.82
N SER A 23 18.12 12.53 -0.03
CA SER A 23 16.72 12.47 -0.59
C SER A 23 16.12 13.88 -0.96
N ILE A 24 16.84 14.94 -0.67
CA ILE A 24 16.36 16.30 -0.85
C ILE A 24 16.21 16.63 -2.33
N THR A 26 15.15 19.92 -4.64
CA THR A 26 14.78 21.32 -4.63
C THR A 26 13.84 21.57 -5.80
N ALA A 27 12.83 22.35 -5.51
CA ALA A 27 11.84 22.66 -6.49
C ALA A 27 12.36 23.85 -7.32
N LYS A 28 11.96 23.87 -8.56
CA LYS A 28 11.99 25.06 -9.33
C LYS A 28 10.99 26.07 -8.68
N THR A 29 11.42 27.29 -8.37
CA THR A 29 10.59 28.30 -7.67
C THR A 29 10.80 29.66 -8.25
N LYS A 30 9.84 30.55 -7.99
CA LYS A 30 9.95 31.97 -8.21
C LYS A 30 9.79 32.67 -6.86
N PRO A 31 10.21 33.92 -6.76
CA PRO A 31 10.08 34.63 -5.52
C PRO A 31 8.67 34.93 -5.07
N ASP A 32 7.72 34.98 -5.98
CA ASP A 32 6.32 35.15 -5.59
C ASP A 32 5.72 33.86 -4.91
N GLY A 33 6.45 32.73 -4.87
CA GLY A 33 6.00 31.54 -4.15
C GLY A 33 5.69 30.41 -5.11
N SER A 34 5.66 30.69 -6.40
CA SER A 34 5.37 29.69 -7.40
C SER A 34 6.37 28.58 -7.34
N PHE A 35 5.87 27.36 -7.49
CA PHE A 35 6.77 26.24 -7.50
C PHE A 35 6.32 25.10 -8.34
N GLU A 36 7.27 24.24 -8.60
CA GLU A 36 7.08 23.06 -9.37
C GLU A 36 8.13 22.01 -8.98
N PHE A 37 7.63 20.91 -8.43
CA PHE A 37 8.39 19.67 -8.25
C PHE A 37 8.30 18.73 -9.45
N ASN A 38 9.43 18.19 -9.88
CA ASN A 38 9.48 17.17 -10.95
C ASN A 38 10.06 15.90 -10.37
N HIS A 39 9.46 14.76 -10.60
CA HIS A 39 10.07 13.49 -10.21
C HIS A 39 10.09 12.42 -11.34
N ASP A 40 11.22 11.71 -11.43
CA ASP A 40 11.39 10.54 -12.31
C ASP A 40 10.79 9.31 -11.66
N ILE A 42 10.61 5.25 -11.63
CA ILE A 42 11.54 4.14 -11.91
C ILE A 42 10.80 2.82 -11.66
N ASP A 43 10.97 1.81 -12.53
CA ASP A 43 10.17 0.57 -12.47
C ASP A 43 10.75 -0.83 -12.03
N GLY A 44 11.94 -1.00 -11.44
CA GLY A 44 13.07 -0.11 -11.43
C GLY A 44 14.22 -0.72 -12.24
N VAL A 45 13.96 -0.97 -13.51
CA VAL A 45 15.01 -1.23 -14.52
C VAL A 45 15.29 0.09 -15.29
N LYS A 46 14.26 0.95 -15.42
CA LYS A 46 14.41 2.28 -16.06
C LYS A 46 13.25 3.24 -15.71
N THR A 47 13.35 4.46 -16.23
CA THR A 47 12.33 5.47 -16.11
C THR A 47 11.10 5.14 -16.96
N ILE A 48 9.96 4.96 -16.32
CA ILE A 48 8.68 4.79 -17.03
C ILE A 48 7.89 6.08 -17.16
N GLY A 49 8.21 7.11 -16.37
CA GLY A 49 7.52 8.40 -16.49
C GLY A 49 8.01 9.50 -15.58
N TYR A 50 7.51 10.71 -15.85
CA TYR A 50 7.77 11.91 -15.05
C TYR A 50 6.48 12.52 -14.43
N GLY A 51 6.53 12.79 -13.14
CA GLY A 51 5.46 13.39 -12.38
C GLY A 51 5.84 14.83 -12.12
N LYS A 52 4.85 15.69 -12.05
CA LYS A 52 5.02 17.09 -11.86
C LYS A 52 3.88 17.58 -10.95
N LEU A 53 4.25 18.17 -9.82
CA LEU A 53 3.31 18.83 -8.93
C LEU A 53 3.60 20.33 -8.95
N THR A 54 2.60 21.13 -9.31
CA THR A 54 2.67 22.57 -9.36
C THR A 54 1.83 23.18 -8.27
N GLY A 55 2.25 24.35 -7.82
CA GLY A 55 1.58 25.03 -6.76
C GLY A 55 2.13 26.42 -6.49
N LYS A 56 1.70 27.04 -5.41
CA LYS A 56 2.16 28.35 -5.04
C LYS A 56 2.02 28.57 -3.56
N VAL A 57 3.10 29.00 -2.93
CA VAL A 57 3.06 29.45 -1.54
C VAL A 57 2.65 30.89 -1.55
N ASN A 58 1.62 31.20 -0.75
CA ASN A 58 1.16 32.58 -0.60
C ASN A 58 1.79 33.22 0.59
N HIS A 59 2.77 34.06 0.32
CA HIS A 59 3.49 34.72 1.39
C HIS A 59 3.70 36.21 1.11
N HIS A 60 4.01 36.95 2.15
CA HIS A 60 4.38 38.35 1.98
C HIS A 60 5.31 38.77 3.12
N TYR A 61 6.08 39.80 2.83
CA TYR A 61 7.18 40.24 3.64
C TYR A 61 7.03 41.71 4.06
N VAL A 62 7.26 41.99 5.35
CA VAL A 62 7.42 43.39 5.81
C VAL A 62 8.87 43.72 6.25
N ALA A 63 9.52 44.67 5.57
CA ALA A 63 10.88 45.10 5.99
C ALA A 63 10.81 46.03 7.21
N ASN A 64 11.69 45.86 8.19
CA ASN A 64 11.80 46.83 9.31
C ASN A 64 13.04 47.69 9.16
N LYS A 65 13.08 48.83 9.88
CA LYS A 65 14.23 49.78 9.83
C LYS A 65 15.59 49.14 10.10
N ASP A 66 15.64 48.34 11.17
CA ASP A 66 16.86 47.64 11.63
C ASP A 66 17.41 46.51 10.74
N GLY A 67 16.75 46.24 9.61
CA GLY A 67 17.20 45.24 8.67
C GLY A 67 16.55 43.88 8.85
N SER A 68 15.81 43.71 9.92
CA SER A 68 15.02 42.50 10.10
C SER A 68 13.81 42.58 9.17
N VAL A 69 13.17 41.42 9.00
CA VAL A 69 12.03 41.28 8.14
C VAL A 69 11.02 40.32 8.79
N THR A 70 9.72 40.50 8.52
CA THR A 70 8.68 39.57 8.96
C THR A 70 8.14 38.90 7.71
N ALA A 71 8.21 37.59 7.70
CA ALA A 71 7.71 36.78 6.62
C ALA A 71 6.40 36.17 7.06
N PHE A 72 5.33 36.41 6.32
CA PHE A 72 4.02 35.83 6.58
C PHE A 72 3.81 34.72 5.59
N VAL A 73 3.63 33.51 6.07
CA VAL A 73 3.34 32.39 5.21
C VAL A 73 1.88 32.06 5.43
N ASP A 74 1.03 32.61 4.55
CA ASP A 74 -0.42 32.61 4.75
C ASP A 74 -1.02 31.26 4.44
N SER A 75 -0.70 30.72 3.26
CA SER A 75 -1.21 29.45 2.85
C SER A 75 -0.38 28.88 1.73
N VAL A 76 -0.72 27.69 1.26
CA VAL A 76 -0.10 27.10 0.11
C VAL A 76 -1.14 26.45 -0.79
N THR A 77 -1.05 26.71 -2.09
CA THR A 77 -2.03 26.24 -2.99
C THR A 77 -1.41 25.20 -3.88
N LEU A 78 -2.06 24.06 -4.02
CA LEU A 78 -1.69 23.11 -5.05
C LEU A 78 -2.58 23.26 -6.30
N TYR A 79 -1.95 23.36 -7.46
CA TYR A 79 -2.64 23.52 -8.73
C TYR A 79 -2.85 22.18 -9.39
N LYS A 80 -1.77 21.55 -9.85
CA LYS A 80 -1.94 20.35 -10.67
C LYS A 80 -0.95 19.27 -10.31
N TYR A 81 -1.38 18.04 -10.53
CA TYR A 81 -0.51 16.92 -10.62
C TYR A 81 -0.62 16.26 -11.98
N GLU A 82 0.51 16.24 -12.68
CA GLU A 82 0.63 15.66 -13.97
C GLU A 82 1.66 14.53 -14.03
N TYR A 83 1.35 13.53 -14.88
CA TYR A 83 2.16 12.41 -15.09
C TYR A 83 2.23 12.11 -16.55
N ARG A 84 3.45 12.06 -17.05
CA ARG A 84 3.79 11.80 -18.45
C ARG A 84 4.44 10.43 -18.53
N ASN A 85 3.69 9.46 -19.03
CA ASN A 85 4.25 8.16 -19.39
C ASN A 85 5.26 8.24 -20.52
N VAL A 86 6.43 7.63 -20.32
CA VAL A 86 7.38 7.50 -21.42
C VAL A 86 7.54 6.05 -21.89
N ALA A 87 7.63 5.08 -20.97
CA ALA A 87 7.86 3.66 -21.32
C ALA A 87 6.94 2.72 -20.52
N GLN A 88 6.74 1.51 -21.04
CA GLN A 88 5.88 0.51 -20.37
C GLN A 88 6.48 -0.01 -19.05
N ASN A 89 5.64 -0.06 -18.02
CA ASN A 89 6.02 -0.55 -16.71
C ASN A 89 6.33 -2.06 -16.78
N ALA A 90 7.61 -2.41 -16.57
CA ALA A 90 8.09 -3.81 -16.51
C ALA A 90 7.94 -4.46 -15.10
N ALA A 91 7.51 -3.68 -14.09
CA ALA A 91 7.02 -4.26 -12.81
C ALA A 91 5.49 -4.34 -12.92
N VAL A 92 4.99 -5.20 -13.83
CA VAL A 92 3.64 -5.07 -14.46
C VAL A 92 2.47 -5.35 -13.49
N ASN A 93 2.76 -6.06 -12.38
CA ASN A 93 1.81 -6.28 -11.28
C ASN A 93 1.84 -5.22 -10.14
N GLN A 94 2.71 -4.22 -10.25
CA GLN A 94 2.81 -3.16 -9.26
C GLN A 94 2.06 -1.91 -9.76
N ASN A 95 1.50 -1.18 -8.81
CA ASN A 95 0.79 0.04 -9.07
C ASN A 95 1.37 1.16 -8.26
N ILE A 96 1.09 2.38 -8.70
CA ILE A 96 1.62 3.57 -8.09
C ILE A 96 0.48 4.28 -7.40
N VAL A 97 0.76 4.82 -6.23
CA VAL A 97 -0.18 5.69 -5.57
C VAL A 97 0.53 6.99 -5.20
N PHE A 98 -0.04 8.11 -5.62
CA PHE A 98 0.46 9.41 -5.29
C PHE A 98 -0.56 10.07 -4.38
N ARG A 99 -0.09 10.61 -3.26
CA ARG A 99 -0.96 11.33 -2.34
C ARG A 99 -0.33 12.63 -1.89
N VAL A 100 -1.19 13.59 -1.63
CA VAL A 100 -0.82 14.81 -0.95
C VAL A 100 -1.67 14.89 0.29
N LEU A 101 -1.04 15.28 1.37
CA LEU A 101 -1.73 15.42 2.64
C LEU A 101 -1.33 16.70 3.29
N THR A 102 -2.14 17.13 4.25
CA THR A 102 -1.84 18.31 5.01
C THR A 102 -0.66 18.02 5.95
N LYS A 103 -0.07 19.06 6.51
CA LYS A 103 0.85 18.86 7.64
C LYS A 103 0.36 17.92 8.72
N ASP A 104 -0.94 17.90 8.94
CA ASP A 104 -1.52 17.19 10.07
C ASP A 104 -1.91 15.74 9.76
N GLY A 105 -1.53 15.26 8.57
CA GLY A 105 -1.74 13.89 8.11
C GLY A 105 -3.05 13.66 7.33
N ARG A 106 -3.84 14.70 7.11
CA ARG A 106 -5.10 14.53 6.39
C ARG A 106 -4.93 14.52 4.87
N PRO A 107 -5.38 13.43 4.19
CA PRO A 107 -5.20 13.38 2.75
C PRO A 107 -6.11 14.34 2.00
N ILE A 108 -5.58 14.97 0.97
CA ILE A 108 -6.40 15.85 0.13
C ILE A 108 -6.33 15.48 -1.34
N PHE A 109 -5.48 14.56 -1.72
CA PHE A 109 -5.51 14.13 -3.10
C PHE A 109 -4.89 12.75 -3.08
N GLU A 110 -5.45 11.89 -3.90
CA GLU A 110 -4.98 10.54 -4.05
C GLU A 110 -5.19 10.08 -5.46
N LYS A 111 -4.19 9.46 -6.04
CA LYS A 111 -4.30 8.95 -7.38
C LYS A 111 -3.50 7.67 -7.50
N ALA A 112 -4.23 6.62 -7.80
CA ALA A 112 -3.68 5.30 -7.97
C ALA A 112 -3.66 5.05 -9.48
N HIS A 113 -2.56 4.54 -10.00
CA HIS A 113 -2.43 4.33 -11.44
C HIS A 113 -1.28 3.35 -11.69
N ASN A 114 -1.21 2.82 -12.92
CA ASN A 114 -0.24 1.80 -13.32
C ASN A 114 1.02 2.36 -14.01
N GLY A 115 1.04 3.68 -14.21
CA GLY A 115 2.22 4.35 -14.69
C GLY A 115 2.43 4.30 -16.20
N ASN A 116 1.46 3.75 -16.93
CA ASN A 116 1.51 3.59 -18.41
C ASN A 116 0.71 4.61 -19.20
N LYS A 117 -0.15 5.40 -18.53
CA LYS A 117 -1.02 6.42 -19.13
C LYS A 117 -0.61 7.85 -18.72
N THR A 118 -0.57 8.77 -19.66
CA THR A 118 -0.34 10.14 -19.34
C THR A 118 -1.63 10.75 -18.81
N PHE A 119 -1.54 11.65 -17.83
CA PHE A 119 -2.75 12.37 -17.37
C PHE A 119 -2.39 13.65 -16.66
N ALA A 120 -3.43 14.44 -16.40
CA ALA A 120 -3.33 15.62 -15.57
C ALA A 120 -4.55 15.77 -14.70
N GLU A 121 -4.34 15.93 -13.41
CA GLU A 121 -5.41 16.14 -12.47
C GLU A 121 -5.27 17.53 -11.90
N THR A 122 -6.40 18.18 -11.74
CA THR A 122 -6.51 19.47 -11.19
C THR A 122 -6.93 19.38 -9.73
N LEU A 123 -6.17 20.01 -8.87
CA LEU A 123 -6.49 20.03 -7.45
C LEU A 123 -7.11 21.36 -7.08
N ASN A 124 -6.37 22.46 -7.34
CA ASN A 124 -6.74 23.80 -6.90
C ASN A 124 -7.14 23.86 -5.43
N LYS A 125 -6.33 23.24 -4.57
CA LYS A 125 -6.56 23.22 -3.12
C LYS A 125 -5.59 24.11 -2.38
N THR A 126 -6.15 25.03 -1.57
CA THR A 126 -5.45 25.91 -0.71
C THR A 126 -5.56 25.44 0.71
N LEU A 127 -4.41 25.22 1.35
CA LEU A 127 -4.28 24.79 2.70
C LEU A 127 -3.75 25.96 3.51
N GLN A 128 -4.51 26.38 4.52
CA GLN A 128 -4.14 27.52 5.36
C GLN A 128 -3.00 27.16 6.32
N LEU A 129 -2.08 28.09 6.51
CA LEU A 129 -0.91 27.87 7.31
C LEU A 129 -0.89 28.94 8.36
N ASN A 130 -1.02 30.21 7.98
CA ASN A 130 -0.94 31.34 8.96
C ASN A 130 0.24 31.29 9.86
N LEU A 131 1.41 31.31 9.25
CA LEU A 131 2.65 31.23 9.97
C LEU A 131 3.30 32.59 9.81
N LYS A 132 4.12 32.93 10.80
CA LYS A 132 4.86 34.21 10.80
C LYS A 132 6.27 33.95 11.34
N TYR A 133 7.29 34.40 10.60
CA TYR A 133 8.68 34.30 11.08
C TYR A 133 9.30 35.66 11.11
N GLU A 134 9.70 36.02 12.30
CA GLU A 134 10.32 37.28 12.60
C GLU A 134 11.79 36.96 12.32
N LEU A 135 12.38 37.62 11.34
CA LEU A 135 13.72 37.26 10.87
C LEU A 135 14.71 38.42 10.94
N LYS A 136 15.61 38.30 11.91
CA LYS A 136 16.74 39.13 12.05
C LYS A 136 17.71 38.95 10.86
N PRO A 137 18.62 39.92 10.66
CA PRO A 137 19.64 39.75 9.63
C PRO A 137 20.36 38.41 9.76
N HIS A 138 20.40 37.68 8.65
CA HIS A 138 20.96 36.36 8.57
C HIS A 138 20.18 35.28 9.31
N ALA A 139 18.93 35.55 9.75
CA ALA A 139 18.14 34.51 10.34
C ALA A 139 17.49 33.65 9.23
N SER A 140 17.19 32.44 9.60
CA SER A 140 16.50 31.51 8.76
C SER A 140 15.34 30.94 9.55
N SER A 141 14.24 30.75 8.85
CA SER A 141 13.10 30.01 9.36
C SER A 141 13.38 28.57 9.58
N GLY A 142 14.41 28.06 8.88
CA GLY A 142 14.67 26.64 8.79
C GLY A 142 13.52 25.98 8.03
N ASN A 143 13.54 24.66 8.01
CA ASN A 143 12.59 23.87 7.23
C ASN A 143 11.24 23.73 7.91
N VAL A 144 10.23 24.24 7.24
CA VAL A 144 8.87 24.34 7.77
C VAL A 144 7.96 23.50 6.87
N GLU A 145 7.53 22.35 7.36
CA GLU A 145 6.57 21.49 6.64
C GLU A 145 5.30 22.24 6.29
N VAL A 146 4.93 22.20 5.02
CA VAL A 146 3.65 22.84 4.61
C VAL A 146 2.67 21.84 4.04
N PHE A 147 3.16 20.68 3.57
CA PHE A 147 2.28 19.55 3.26
C PHE A 147 3.09 18.30 3.17
N LYS A 148 2.42 17.15 3.02
CA LYS A 148 3.14 15.88 2.92
C LYS A 148 2.85 15.27 1.61
N ILE A 149 3.72 14.36 1.18
CA ILE A 149 3.63 13.66 -0.09
C ILE A 149 3.93 12.17 0.07
N HIS A 150 3.12 11.34 -0.60
CA HIS A 150 3.33 9.89 -0.67
C HIS A 150 3.46 9.49 -2.13
N ASP A 151 4.51 8.77 -2.45
CA ASP A 151 4.68 8.28 -3.80
C ASP A 151 5.12 6.85 -3.68
N ASP A 152 4.14 5.95 -3.72
CA ASP A 152 4.30 4.58 -3.29
C ASP A 152 4.13 3.60 -4.45
N TRP A 153 4.90 2.51 -4.39
CA TRP A 153 4.70 1.32 -5.23
C TRP A 153 3.88 0.26 -4.46
N VAL A 154 2.77 -0.19 -5.02
CA VAL A 154 1.90 -1.19 -4.38
C VAL A 154 1.89 -2.47 -5.18
N HIS A 155 2.18 -3.59 -4.52
CA HIS A 155 2.12 -4.94 -5.10
C HIS A 155 1.08 -5.77 -4.32
N ASP A 156 -0.07 -5.98 -4.96
CA ASP A 156 -1.24 -6.58 -4.37
C ASP A 156 -1.47 -7.95 -4.97
N THR A 157 -1.05 -9.02 -4.27
CA THR A 157 -1.44 -10.41 -4.61
C THR A 157 -2.78 -10.77 -3.90
N HIS A 158 -3.91 -10.50 -4.56
CA HIS A 158 -5.24 -10.79 -4.04
C HIS A 158 -5.78 -12.12 -4.57
N GLY A 159 -6.05 -13.04 -3.66
CA GLY A 159 -6.29 -14.47 -3.96
C GLY A 159 -7.52 -15.05 -3.28
N SER A 160 -7.90 -16.24 -3.70
CA SER A 160 -8.89 -16.92 -2.91
C SER A 160 -8.70 -18.41 -2.81
N ALA A 161 -9.23 -18.92 -1.71
CA ALA A 161 -9.08 -20.31 -1.33
C ALA A 161 -10.29 -21.01 -1.87
N LEU A 162 -10.06 -22.05 -2.68
CA LEU A 162 -11.14 -22.74 -3.38
C LEU A 162 -11.08 -24.18 -3.02
N VAL A 163 -12.18 -24.70 -2.50
CA VAL A 163 -12.27 -26.12 -2.22
C VAL A 163 -12.99 -26.80 -3.38
N SER A 164 -12.76 -28.09 -3.56
CA SER A 164 -13.53 -28.89 -4.49
C SER A 164 -13.73 -30.32 -4.02
N TYR A 165 -14.85 -30.89 -4.45
CA TYR A 165 -15.24 -32.22 -4.10
C TYR A 165 -15.76 -32.93 -5.34
N VAL A 166 -15.22 -34.13 -5.58
CA VAL A 166 -15.56 -34.98 -6.71
C VAL A 166 -16.01 -36.37 -6.18
N ASN A 167 -17.19 -36.82 -6.59
CA ASN A 167 -17.68 -38.19 -6.26
C ASN A 167 -17.11 -39.18 -7.25
N ASN A 168 -16.06 -39.88 -6.85
CA ASN A 168 -15.42 -40.87 -7.74
C ASN A 168 -16.18 -42.20 -7.98
N ASN A 169 -17.34 -42.36 -7.38
CA ASN A 169 -18.23 -43.47 -7.72
C ASN A 169 -19.23 -43.07 -8.79
N GLY B 1 -18.51 -47.20 1.99
CA GLY B 1 -19.43 -46.02 1.99
C GLY B 1 -18.87 -44.89 1.11
N PRO B 2 -18.85 -43.63 1.63
CA PRO B 2 -18.44 -42.54 0.73
C PRO B 2 -17.01 -42.75 0.24
N ASN B 3 -16.85 -42.36 -1.51
CA ASN B 3 -15.56 -42.26 -2.14
C ASN B 3 -15.40 -40.86 -2.83
N VAL B 4 -14.96 -39.89 -2.04
CA VAL B 4 -14.98 -38.49 -2.43
C VAL B 4 -13.59 -37.92 -2.31
N ALA B 5 -13.13 -37.25 -3.35
CA ALA B 5 -11.84 -36.58 -3.32
C ALA B 5 -12.01 -35.07 -3.02
N PHE B 6 -11.34 -34.65 -1.96
CA PHE B 6 -11.39 -33.27 -1.44
C PHE B 6 -10.17 -32.57 -1.90
N ASP B 7 -10.31 -31.37 -2.43
CA ASP B 7 -9.13 -30.54 -2.68
C ASP B 7 -9.34 -29.10 -2.28
N ILE B 8 -8.23 -28.41 -2.00
CA ILE B 8 -8.27 -26.98 -1.74
C ILE B 8 -7.04 -26.32 -2.35
N LYS B 9 -7.28 -25.23 -3.08
CA LYS B 9 -6.26 -24.52 -3.91
C LYS B 9 -6.38 -22.98 -3.74
N ALA B 10 -5.36 -22.24 -4.14
CA ALA B 10 -5.42 -20.76 -4.19
C ALA B 10 -5.27 -20.25 -5.62
N GLN B 11 -6.16 -19.36 -6.06
CA GLN B 11 -6.14 -18.75 -7.39
C GLN B 11 -6.41 -17.27 -7.29
N ALA B 12 -5.99 -16.53 -8.32
CA ALA B 12 -6.32 -15.10 -8.50
C ALA B 12 -6.66 -14.79 -9.95
N SER B 23 2.62 -17.41 -6.38
CA SER B 23 2.82 -16.58 -5.17
C SER B 23 2.19 -17.23 -3.93
N ILE B 24 0.97 -17.75 -4.07
CA ILE B 24 0.28 -18.49 -3.00
C ILE B 24 0.16 -19.99 -3.37
N THR B 26 -0.18 -24.16 -2.58
CA THR B 26 -1.54 -24.69 -2.31
C THR B 26 -1.71 -25.92 -1.38
N ALA B 27 -0.78 -26.88 -1.47
CA ALA B 27 -0.77 -28.02 -0.55
C ALA B 27 0.04 -27.46 0.59
N LYS B 28 0.09 -28.09 1.77
CA LYS B 28 -0.36 -29.45 2.07
C LYS B 28 -1.85 -29.54 2.39
N THR B 29 -2.37 -30.75 2.20
CA THR B 29 -3.78 -31.10 2.38
C THR B 29 -3.96 -32.56 2.86
N LYS B 30 -4.95 -32.75 3.71
CA LYS B 30 -5.25 -34.03 4.27
C LYS B 30 -6.79 -34.24 4.04
N PRO B 31 -7.23 -35.49 3.90
CA PRO B 31 -8.63 -35.68 3.57
C PRO B 31 -9.62 -35.24 4.62
N ASP B 32 -9.17 -35.11 5.85
CA ASP B 32 -10.02 -34.62 6.92
C ASP B 32 -10.24 -33.11 6.78
N GLY B 33 -9.51 -32.45 5.88
CA GLY B 33 -9.77 -31.05 5.56
C GLY B 33 -8.68 -30.06 5.96
N SER B 34 -7.69 -30.55 6.70
CA SER B 34 -6.60 -29.72 7.18
C SER B 34 -5.80 -29.30 5.99
N PHE B 35 -5.24 -28.12 6.10
CA PHE B 35 -4.47 -27.58 5.00
C PHE B 35 -3.46 -26.58 5.50
N GLU B 36 -2.45 -26.33 4.69
CA GLU B 36 -1.73 -25.12 4.86
C GLU B 36 -1.36 -24.48 3.58
N PHE B 37 -1.38 -23.15 3.61
CA PHE B 37 -0.91 -22.28 2.54
C PHE B 37 0.42 -21.64 2.83
N ASN B 38 1.35 -21.75 1.88
CA ASN B 38 2.68 -21.21 2.01
C ASN B 38 2.92 -20.18 0.94
N HIS B 39 3.58 -19.11 1.31
CA HIS B 39 3.82 -18.06 0.36
C HIS B 39 5.16 -17.42 0.68
N ASP B 40 5.84 -17.02 -0.38
CA ASP B 40 7.17 -16.45 -0.29
C ASP B 40 7.06 -14.96 -0.53
N ILE B 42 9.25 -11.73 -1.74
CA ILE B 42 10.29 -11.84 -2.79
C ILE B 42 11.38 -10.75 -2.86
N ASP B 43 11.02 -9.49 -2.57
CA ASP B 43 11.96 -8.33 -2.48
C ASP B 43 12.53 -7.91 -3.83
N GLY B 44 13.65 -8.51 -4.23
CA GLY B 44 14.13 -8.44 -5.60
C GLY B 44 13.89 -9.80 -6.23
N VAL B 45 14.98 -10.53 -6.46
CA VAL B 45 14.94 -11.99 -6.60
C VAL B 45 15.90 -12.50 -5.53
N LYS B 46 15.63 -12.10 -4.29
CA LYS B 46 16.28 -12.65 -3.09
C LYS B 46 15.19 -12.72 -2.01
N THR B 47 14.50 -13.86 -1.96
CA THR B 47 13.41 -14.13 -1.00
C THR B 47 13.74 -13.66 0.46
N ILE B 48 12.82 -12.88 1.05
CA ILE B 48 13.02 -12.25 2.38
C ILE B 48 12.57 -13.17 3.53
N GLY B 49 11.48 -13.90 3.29
CA GLY B 49 10.81 -14.68 4.34
C GLY B 49 9.65 -15.47 3.78
N TYR B 50 9.04 -16.27 4.65
CA TYR B 50 8.04 -17.28 4.27
C TYR B 50 6.84 -17.07 5.14
N GLY B 51 5.65 -17.05 4.54
CA GLY B 51 4.44 -17.05 5.32
C GLY B 51 3.75 -18.37 5.27
N LYS B 52 2.98 -18.66 6.32
CA LYS B 52 2.22 -19.84 6.37
C LYS B 52 0.93 -19.62 7.12
N LEU B 53 -0.16 -19.97 6.44
CA LEU B 53 -1.46 -19.99 7.00
C LEU B 53 -2.01 -21.45 7.11
N THR B 54 -2.52 -21.81 8.28
CA THR B 54 -2.97 -23.16 8.59
C THR B 54 -4.40 -23.11 8.99
N GLY B 55 -5.13 -24.11 8.56
CA GLY B 55 -6.49 -24.24 8.94
C GLY B 55 -7.06 -25.58 8.58
N LYS B 56 -8.38 -25.66 8.63
CA LYS B 56 -9.08 -26.86 8.37
C LYS B 56 -10.47 -26.59 7.87
N VAL B 57 -10.78 -27.26 6.77
CA VAL B 57 -12.14 -27.27 6.30
C VAL B 57 -12.93 -28.31 7.09
N ASN B 58 -14.13 -27.95 7.53
CA ASN B 58 -14.99 -28.83 8.27
C ASN B 58 -16.07 -29.40 7.40
N HIS B 59 -15.87 -30.63 6.99
CA HIS B 59 -16.81 -31.29 6.07
C HIS B 59 -17.08 -32.73 6.47
N HIS B 60 -18.14 -33.28 5.92
CA HIS B 60 -18.43 -34.69 6.13
C HIS B 60 -19.36 -35.15 5.04
N TYR B 61 -19.39 -36.47 4.83
CA TYR B 61 -20.00 -37.11 3.67
C TYR B 61 -21.07 -38.12 4.07
N VAL B 62 -22.24 -38.07 3.43
CA VAL B 62 -23.28 -39.06 3.63
C VAL B 62 -23.53 -39.94 2.37
N ALA B 63 -23.27 -41.23 2.47
CA ALA B 63 -23.53 -42.16 1.37
C ALA B 63 -25.01 -42.33 1.18
N ASN B 64 -25.43 -42.37 -0.07
CA ASN B 64 -26.79 -42.73 -0.43
C ASN B 64 -26.66 -44.08 -1.10
N LYS B 65 -27.69 -44.93 -0.95
CA LYS B 65 -27.87 -46.19 -1.77
C LYS B 65 -27.57 -46.08 -3.30
N ASP B 66 -27.77 -44.87 -3.86
CA ASP B 66 -27.69 -44.55 -5.29
C ASP B 66 -26.32 -44.83 -5.93
N GLY B 67 -25.26 -44.63 -5.16
CA GLY B 67 -23.92 -44.31 -5.71
C GLY B 67 -23.62 -42.83 -5.43
N SER B 68 -24.67 -42.06 -5.08
CA SER B 68 -24.58 -40.62 -4.91
C SER B 68 -24.19 -40.32 -3.47
N VAL B 69 -23.61 -39.17 -3.26
CA VAL B 69 -23.08 -38.79 -1.95
C VAL B 69 -23.42 -37.34 -1.72
N THR B 70 -23.68 -36.97 -0.48
CA THR B 70 -23.79 -35.59 -0.11
C THR B 70 -22.51 -35.19 0.59
N ALA B 71 -21.86 -34.15 0.09
CA ALA B 71 -20.74 -33.52 0.80
C ALA B 71 -21.27 -32.24 1.48
N PHE B 72 -21.20 -32.25 2.82
CA PHE B 72 -21.59 -31.11 3.63
C PHE B 72 -20.30 -30.38 3.88
N VAL B 73 -20.26 -29.09 3.50
CA VAL B 73 -19.13 -28.24 3.78
C VAL B 73 -19.58 -27.24 4.84
N ASP B 74 -19.33 -27.59 6.09
CA ASP B 74 -20.01 -26.90 7.21
C ASP B 74 -19.44 -25.54 7.56
N SER B 75 -18.11 -25.47 7.57
CA SER B 75 -17.37 -24.30 7.94
C SER B 75 -15.87 -24.51 7.60
N VAL B 76 -15.10 -23.45 7.69
CA VAL B 76 -13.66 -23.54 7.63
C VAL B 76 -13.06 -22.82 8.82
N THR B 77 -12.10 -23.48 9.47
CA THR B 77 -11.45 -22.95 10.65
C THR B 77 -10.07 -22.48 10.25
N LEU B 78 -9.73 -21.27 10.65
CA LEU B 78 -8.36 -20.78 10.50
C LEU B 78 -7.64 -20.77 11.84
N TYR B 79 -6.50 -21.42 11.89
CA TYR B 79 -5.76 -21.61 13.13
C TYR B 79 -4.82 -20.45 13.37
N LYS B 80 -3.81 -20.34 12.53
CA LYS B 80 -2.60 -19.54 12.77
C LYS B 80 -2.06 -18.94 11.47
N TYR B 81 -1.44 -17.78 11.59
CA TYR B 81 -0.58 -17.27 10.53
C TYR B 81 0.82 -17.05 11.08
N GLU B 82 1.79 -17.65 10.42
CA GLU B 82 3.18 -17.61 10.86
C GLU B 82 4.00 -16.98 9.78
N TYR B 83 4.96 -16.18 10.20
CA TYR B 83 5.90 -15.61 9.32
C TYR B 83 7.32 -15.82 9.83
N ARG B 84 8.18 -16.27 8.93
CA ARG B 84 9.58 -16.55 9.20
C ARG B 84 10.44 -15.64 8.32
N ASN B 85 11.18 -14.71 8.96
CA ASN B 85 12.21 -13.89 8.27
C ASN B 85 13.45 -14.72 8.08
N VAL B 86 13.97 -14.76 6.86
CA VAL B 86 15.26 -15.42 6.56
C VAL B 86 16.40 -14.43 6.17
N ALA B 87 16.06 -13.29 5.57
CA ALA B 87 17.06 -12.26 5.27
C ALA B 87 16.70 -11.00 6.03
N GLN B 88 17.67 -10.39 6.71
CA GLN B 88 17.47 -9.12 7.40
C GLN B 88 17.24 -7.97 6.41
N ASN B 89 17.67 -6.77 6.79
CA ASN B 89 17.43 -5.58 5.99
C ASN B 89 18.29 -4.41 6.44
N ASN B 93 12.02 0.62 4.22
CA ASN B 93 10.73 1.28 3.98
C ASN B 93 9.66 0.38 3.31
N GLN B 94 9.29 -0.65 4.06
CA GLN B 94 8.45 -1.73 3.60
C GLN B 94 7.31 -1.95 4.59
N ASN B 95 6.11 -1.77 4.09
CA ASN B 95 4.93 -2.19 4.77
C ASN B 95 4.47 -3.45 4.01
N ILE B 96 4.27 -4.53 4.74
CA ILE B 96 3.71 -5.79 4.22
C ILE B 96 2.47 -6.01 5.01
N VAL B 97 1.40 -6.44 4.35
CA VAL B 97 0.18 -6.73 5.08
C VAL B 97 -0.39 -8.06 4.57
N PHE B 98 -0.67 -8.92 5.53
CA PHE B 98 -1.36 -10.13 5.26
C PHE B 98 -2.77 -10.00 5.79
N ARG B 99 -3.75 -10.32 4.96
CA ARG B 99 -5.13 -10.30 5.42
C ARG B 99 -5.84 -11.57 5.03
N VAL B 100 -6.83 -11.93 5.82
CA VAL B 100 -7.74 -12.99 5.48
C VAL B 100 -9.11 -12.36 5.57
N LEU B 101 -9.98 -12.69 4.63
CA LEU B 101 -11.36 -12.22 4.62
C LEU B 101 -12.33 -13.37 4.34
N THR B 102 -13.56 -13.20 4.75
CA THR B 102 -14.55 -14.18 4.41
C THR B 102 -14.76 -14.18 2.93
N LYS B 103 -15.45 -15.21 2.44
CA LYS B 103 -15.90 -15.24 1.03
C LYS B 103 -16.84 -14.06 0.65
N ASP B 104 -17.51 -13.48 1.64
CA ASP B 104 -18.35 -12.28 1.44
C ASP B 104 -17.61 -10.90 1.52
N GLY B 105 -16.33 -10.89 1.94
CA GLY B 105 -15.47 -9.68 1.87
C GLY B 105 -15.16 -8.99 3.22
N ARG B 106 -15.71 -9.53 4.30
CA ARG B 106 -15.42 -9.08 5.66
C ARG B 106 -14.03 -9.55 6.14
N PRO B 107 -13.13 -8.60 6.48
CA PRO B 107 -11.79 -8.96 7.00
C PRO B 107 -11.94 -9.62 8.35
N ILE B 108 -11.19 -10.68 8.58
CA ILE B 108 -11.21 -11.33 9.88
C ILE B 108 -9.85 -11.38 10.53
N PHE B 109 -8.83 -10.94 9.81
CA PHE B 109 -7.50 -10.96 10.32
C PHE B 109 -6.66 -10.05 9.46
N GLU B 110 -5.81 -9.28 10.10
CA GLU B 110 -4.98 -8.35 9.40
C GLU B 110 -3.73 -8.16 10.21
N LYS B 111 -2.60 -8.28 9.55
CA LYS B 111 -1.32 -8.15 10.14
C LYS B 111 -0.44 -7.30 9.21
N ALA B 112 -0.02 -6.14 9.72
CA ALA B 112 0.94 -5.29 9.05
C ALA B 112 2.29 -5.55 9.70
N HIS B 113 3.32 -5.64 8.90
CA HIS B 113 4.62 -5.78 9.46
C HIS B 113 5.64 -5.34 8.42
N ASN B 114 6.89 -5.24 8.83
CA ASN B 114 7.94 -4.76 7.96
C ASN B 114 8.73 -5.88 7.35
N GLY B 115 8.56 -7.09 7.87
CA GLY B 115 9.22 -8.29 7.32
C GLY B 115 10.50 -8.73 8.05
N ASN B 116 11.00 -7.93 8.98
CA ASN B 116 12.28 -8.25 9.63
C ASN B 116 12.19 -9.23 10.81
N LYS B 117 11.01 -9.36 11.42
CA LYS B 117 10.80 -10.24 12.57
C LYS B 117 10.02 -11.51 12.22
N THR B 118 10.43 -12.62 12.82
CA THR B 118 9.68 -13.83 12.76
C THR B 118 8.55 -13.75 13.82
N PHE B 119 7.38 -14.30 13.50
CA PHE B 119 6.24 -14.24 14.43
C PHE B 119 5.18 -15.28 14.08
N ALA B 120 4.24 -15.42 15.02
CA ALA B 120 3.06 -16.24 14.84
C ALA B 120 1.86 -15.49 15.41
N GLU B 121 0.77 -15.50 14.68
CA GLU B 121 -0.47 -14.96 15.19
C GLU B 121 -1.47 -16.09 15.18
N THR B 122 -2.30 -16.12 16.20
CA THR B 122 -3.31 -17.11 16.31
C THR B 122 -4.60 -16.46 15.87
N LEU B 123 -5.31 -17.11 14.96
CA LEU B 123 -6.61 -16.61 14.52
C LEU B 123 -7.75 -17.29 15.26
N ASN B 124 -7.75 -18.64 15.27
CA ASN B 124 -8.86 -19.45 15.77
C ASN B 124 -10.19 -18.89 15.40
N LYS B 125 -10.41 -18.77 14.09
CA LYS B 125 -11.67 -18.25 13.58
C LYS B 125 -12.33 -19.35 12.79
N THR B 126 -13.57 -19.64 13.12
CA THR B 126 -14.38 -20.50 12.34
C THR B 126 -15.30 -19.64 11.44
N LEU B 127 -15.24 -19.84 10.11
CA LEU B 127 -16.17 -19.16 9.17
C LEU B 127 -17.21 -20.17 8.73
N GLN B 128 -18.45 -19.86 9.07
CA GLN B 128 -19.55 -20.74 8.72
C GLN B 128 -19.74 -20.70 7.26
N LEU B 129 -19.95 -21.87 6.66
CA LEU B 129 -20.18 -22.00 5.24
C LEU B 129 -21.56 -22.54 4.99
N ASN B 130 -21.84 -23.67 5.60
CA ASN B 130 -23.18 -24.24 5.61
C ASN B 130 -23.57 -24.55 4.18
N LEU B 131 -22.66 -25.17 3.47
CA LEU B 131 -22.91 -25.55 2.09
C LEU B 131 -23.13 -27.03 2.05
N LYS B 132 -23.78 -27.43 0.99
CA LYS B 132 -24.14 -28.82 0.74
C LYS B 132 -24.05 -29.06 -0.77
N TYR B 133 -23.29 -30.08 -1.18
CA TYR B 133 -23.27 -30.57 -2.60
C TYR B 133 -23.78 -31.98 -2.74
N GLU B 134 -24.92 -32.14 -3.38
CA GLU B 134 -25.47 -33.47 -3.67
C GLU B 134 -24.82 -33.97 -4.94
N LEU B 135 -24.02 -35.00 -4.81
CA LEU B 135 -23.08 -35.43 -5.84
C LEU B 135 -23.43 -36.82 -6.36
N LYS B 136 -24.12 -36.82 -7.48
CA LYS B 136 -24.29 -38.01 -8.30
C LYS B 136 -22.97 -38.62 -8.68
N PRO B 137 -22.96 -39.86 -9.12
CA PRO B 137 -21.72 -40.46 -9.63
C PRO B 137 -20.95 -39.57 -10.64
N HIS B 138 -19.65 -39.36 -10.38
CA HIS B 138 -18.79 -38.43 -11.14
C HIS B 138 -19.19 -36.96 -11.09
N ALA B 139 -20.12 -36.55 -10.23
CA ALA B 139 -20.46 -35.13 -10.11
C ALA B 139 -19.32 -34.43 -9.36
N SER B 140 -19.28 -33.11 -9.50
CA SER B 140 -18.27 -32.31 -8.86
C SER B 140 -18.94 -31.06 -8.37
N SER B 141 -18.46 -30.57 -7.22
CA SER B 141 -18.91 -29.32 -6.65
C SER B 141 -18.44 -28.13 -7.47
N GLY B 142 -17.40 -28.32 -8.28
CA GLY B 142 -16.68 -27.20 -8.84
C GLY B 142 -15.89 -26.48 -7.75
N ASN B 143 -15.39 -25.31 -8.14
CA ASN B 143 -14.54 -24.51 -7.28
C ASN B 143 -15.40 -23.66 -6.39
N VAL B 144 -15.30 -23.90 -5.11
CA VAL B 144 -16.11 -23.16 -4.13
C VAL B 144 -15.23 -22.27 -3.29
N GLU B 145 -15.44 -20.98 -3.35
CA GLU B 145 -14.57 -20.07 -2.60
C GLU B 145 -14.92 -20.16 -1.12
N VAL B 146 -13.94 -20.40 -0.26
CA VAL B 146 -14.26 -20.43 1.16
C VAL B 146 -13.69 -19.25 2.00
N PHE B 147 -12.70 -18.57 1.50
CA PHE B 147 -12.25 -17.32 2.06
C PHE B 147 -11.33 -16.67 1.08
N LYS B 148 -10.95 -15.45 1.40
CA LYS B 148 -10.05 -14.65 0.56
C LYS B 148 -8.77 -14.36 1.34
N ILE B 149 -7.67 -14.13 0.62
CA ILE B 149 -6.38 -13.68 1.15
C ILE B 149 -5.79 -12.51 0.33
N HIS B 150 -5.17 -11.54 1.03
CA HIS B 150 -4.41 -10.42 0.46
C HIS B 150 -3.04 -10.51 1.04
N ASP B 151 -2.04 -10.57 0.16
CA ASP B 151 -0.64 -10.55 0.57
C ASP B 151 0.09 -9.39 -0.07
N ASP B 152 -0.28 -8.21 0.42
CA ASP B 152 0.13 -6.92 -0.13
C ASP B 152 1.45 -6.39 0.41
N TRP B 153 2.05 -5.55 -0.40
CA TRP B 153 3.43 -5.21 -0.27
C TRP B 153 3.51 -3.80 -0.80
N VAL B 154 3.80 -2.85 0.08
CA VAL B 154 4.00 -1.45 -0.29
C VAL B 154 5.45 -1.03 -0.09
N HIS B 155 6.04 -0.43 -1.11
CA HIS B 155 7.31 0.28 -0.95
C HIS B 155 7.03 1.79 -0.78
N ASP B 156 7.18 2.30 0.44
CA ASP B 156 6.82 3.67 0.81
C ASP B 156 7.92 4.62 0.46
N THR B 157 7.66 5.70 -0.29
CA THR B 157 8.48 6.94 -0.20
C THR B 157 7.58 8.05 0.29
N HIS B 158 7.64 8.32 1.58
CA HIS B 158 6.79 9.30 2.19
C HIS B 158 7.66 10.48 2.59
N GLY B 159 7.22 11.71 2.33
CA GLY B 159 7.92 12.88 2.80
C GLY B 159 7.10 14.13 3.01
N SER B 160 7.84 15.22 3.15
CA SER B 160 7.27 16.50 3.46
C SER B 160 7.77 17.50 2.44
N ALA B 161 6.91 18.44 2.07
CA ALA B 161 7.38 19.63 1.35
C ALA B 161 7.72 20.68 2.43
N LEU B 162 8.92 21.28 2.37
CA LEU B 162 9.45 22.13 3.41
C LEU B 162 9.81 23.43 2.74
N VAL B 163 9.28 24.53 3.26
CA VAL B 163 9.61 25.85 2.78
C VAL B 163 10.66 26.43 3.73
N SER B 164 11.43 27.41 3.27
CA SER B 164 12.39 28.06 4.11
C SER B 164 12.63 29.47 3.64
N TYR B 165 12.88 30.34 4.61
CA TYR B 165 13.05 31.76 4.38
C TYR B 165 14.30 32.18 5.11
N VAL B 166 15.18 32.88 4.39
CA VAL B 166 16.42 33.40 4.92
C VAL B 166 16.42 34.91 4.69
N ASN B 167 16.70 35.66 5.73
CA ASN B 167 16.96 37.08 5.60
C ASN B 167 18.47 37.29 5.28
N ASN B 168 18.73 37.63 4.03
CA ASN B 168 20.07 37.82 3.53
C ASN B 168 20.70 39.16 3.86
N ASN B 169 20.03 40.04 4.57
CA ASN B 169 20.73 41.17 5.16
C ASN B 169 21.80 40.73 6.18
#